data_4CT7
#
_entry.id   4CT7
#
_cell.length_a   155.031
_cell.length_b   66.984
_cell.length_c   72.653
_cell.angle_alpha   90.00
_cell.angle_beta   99.85
_cell.angle_gamma   90.00
#
_symmetry.space_group_name_H-M   'C 1 2 1'
#
loop_
_entity.id
_entity.type
_entity.pdbx_description
1 polymer 'CCR4-NOT TRANSCRIPTION COMPLEX SUBUNIT 1'
2 polymer 'CELL DIFFERENTIATION PROTEIN RCD1 HOMOLOG'
3 non-polymer TRYPTOPHAN
4 non-polymer '2-(N-MORPHOLINO)-ETHANESULFONIC ACID'
5 water water
#
loop_
_entity_poly.entity_id
_entity_poly.type
_entity_poly.pdbx_seq_one_letter_code
_entity_poly.pdbx_strand_id
1 'polypeptide(L)'
;PPQPQYSYHDINVYSLAGLAPHITLNPTIPLFQAHPQLKQCVRQAIERAVQELVHPVVDRSIKIAMTTCEQIVRKDFALD
SEESRMRIAAHHMMRNLTAGMAMITCREPLLMSISTNLKNSFASALRTASPQQREMMDQAAAQLAQDNCELACCFIQKTA
VEKAGPEMDKRLATEFELRKHARQEGRRYCDPVVLTYQAERMPEQIRLKVGGVDPKQLAVYEEFARNVPGFLPTNDLSQP
TGF
;
A
2 'polypeptide(L)'
;QVDREKIYQWINELSSPETRENALLELSKKRESVPDLAPMLWHSFGTIAALLQEIVNIYPSINPPTLTAHQSNRVCNALA
LLQCVASHPETRSAFLAAHIPLFLYPFLHTVSKTRPFEYLRLTSLGVIGALVKTDEQEVINFLLTTEIIPLCLRIMESGS
ELSKTVATFILQKILLDDTGLAYICQTYERFSHVAMILGKMVLQLSKEPSARLLKHVVRCYLRLSDNPRAREALRQCLPD
QLKDTTFAQVLKDDTTTKRWLAQLVKNLQE
;
B
#
# COMPACT_ATOMS: atom_id res chain seq x y z
N PRO A 1 7.94 2.56 -19.15
CA PRO A 1 9.06 2.39 -20.08
C PRO A 1 10.43 2.09 -19.44
N PRO A 2 10.84 2.78 -18.35
CA PRO A 2 12.23 2.55 -17.92
C PRO A 2 12.45 1.23 -17.18
N GLN A 3 13.41 0.44 -17.66
CA GLN A 3 13.82 -0.78 -16.97
C GLN A 3 14.68 -0.43 -15.76
N PRO A 4 14.77 -1.35 -14.78
CA PRO A 4 15.73 -1.16 -13.69
C PRO A 4 17.16 -1.11 -14.24
N GLN A 5 17.98 -0.22 -13.69
CA GLN A 5 19.38 -0.11 -14.11
C GLN A 5 20.19 -1.34 -13.72
N TYR A 6 19.88 -1.92 -12.57
CA TYR A 6 20.78 -2.90 -11.95
C TYR A 6 20.17 -4.28 -11.79
N SER A 7 21.04 -5.27 -11.84
CA SER A 7 20.66 -6.64 -11.49
C SER A 7 21.02 -6.84 -10.03
N TYR A 8 20.46 -7.85 -9.40
CA TYR A 8 20.66 -8.09 -7.98
C TYR A 8 22.14 -8.25 -7.60
N HIS A 9 22.97 -8.71 -8.53
CA HIS A 9 24.36 -8.99 -8.18
C HIS A 9 25.32 -7.90 -8.65
N ASP A 10 24.79 -6.84 -9.25
CA ASP A 10 25.62 -5.72 -9.69
C ASP A 10 26.09 -4.88 -8.49
N ILE A 11 25.45 -5.09 -7.35
CA ILE A 11 25.69 -4.26 -6.17
C ILE A 11 26.13 -5.06 -4.95
N ASN A 12 27.34 -4.81 -4.48
CA ASN A 12 27.79 -5.49 -3.28
C ASN A 12 27.45 -4.63 -2.08
N VAL A 13 26.85 -5.28 -1.08
CA VAL A 13 26.17 -4.64 0.03
C VAL A 13 26.91 -4.87 1.36
N TYR A 14 27.99 -5.64 1.30
CA TYR A 14 28.82 -5.90 2.48
C TYR A 14 29.31 -4.61 3.16
N SER A 15 29.67 -3.60 2.37
CA SER A 15 30.06 -2.31 2.91
C SER A 15 29.53 -1.18 2.05
N LEU A 16 29.58 0.04 2.56
CA LEU A 16 29.11 1.20 1.82
C LEU A 16 29.98 1.43 0.57
N ALA A 17 31.18 0.85 0.55
CA ALA A 17 32.06 0.95 -0.60
C ALA A 17 31.41 0.37 -1.86
N GLY A 18 30.41 -0.49 -1.67
CA GLY A 18 29.66 -1.04 -2.80
C GLY A 18 28.96 0.00 -3.66
N LEU A 19 28.75 1.19 -3.11
CA LEU A 19 28.09 2.28 -3.84
C LEU A 19 28.99 3.01 -4.85
N ALA A 20 30.28 3.10 -4.56
CA ALA A 20 31.18 4.01 -5.27
C ALA A 20 31.20 3.86 -6.80
N PRO A 21 31.42 2.63 -7.33
CA PRO A 21 31.53 2.56 -8.79
C PRO A 21 30.27 2.99 -9.55
N HIS A 22 29.11 3.05 -8.91
CA HIS A 22 27.86 3.26 -9.66
C HIS A 22 27.38 4.72 -9.56
N ILE A 23 28.14 5.55 -8.89
CA ILE A 23 27.70 6.94 -8.70
C ILE A 23 27.79 7.71 -10.02
N THR A 24 26.75 8.49 -10.32
CA THR A 24 26.71 9.21 -11.58
C THR A 24 26.68 10.72 -11.37
N LEU A 25 27.62 11.39 -12.04
CA LEU A 25 27.82 12.83 -11.96
C LEU A 25 27.61 13.46 -13.32
N ASN A 26 26.42 13.98 -13.57
CA ASN A 26 26.14 14.68 -14.82
C ASN A 26 27.11 15.88 -14.98
N PRO A 27 28.02 15.80 -15.96
CA PRO A 27 29.08 16.80 -16.13
C PRO A 27 28.55 18.16 -16.52
N THR A 28 27.32 18.22 -17.04
CA THR A 28 26.71 19.49 -17.46
C THR A 28 26.12 20.30 -16.31
N ILE A 29 26.07 19.72 -15.11
CA ILE A 29 25.56 20.43 -13.94
C ILE A 29 26.32 21.74 -13.74
N PRO A 30 25.60 22.88 -13.79
CA PRO A 30 26.19 24.23 -13.76
C PRO A 30 27.14 24.46 -12.58
N LEU A 31 26.75 24.03 -11.38
CA LEU A 31 27.64 24.08 -10.22
C LEU A 31 29.01 23.43 -10.51
N PHE A 32 28.99 22.31 -11.26
CA PHE A 32 30.22 21.56 -11.54
C PHE A 32 31.09 22.20 -12.60
N GLN A 33 30.46 22.78 -13.62
CA GLN A 33 31.17 23.55 -14.62
C GLN A 33 31.96 24.70 -13.97
N ALA A 34 31.36 25.31 -12.97
CA ALA A 34 31.93 26.47 -12.27
C ALA A 34 33.01 26.07 -11.24
N HIS A 35 32.80 24.95 -10.56
CA HIS A 35 33.78 24.43 -9.61
C HIS A 35 33.88 22.91 -9.72
N PRO A 36 34.70 22.41 -10.67
CA PRO A 36 34.86 20.97 -10.91
C PRO A 36 35.30 20.18 -9.67
N GLN A 37 35.98 20.83 -8.74
CA GLN A 37 36.50 20.18 -7.54
C GLN A 37 35.38 19.67 -6.62
N LEU A 38 34.19 20.23 -6.75
CA LEU A 38 33.08 19.87 -5.88
C LEU A 38 32.53 18.48 -6.17
N LYS A 39 32.98 17.87 -7.27
CA LYS A 39 32.54 16.50 -7.58
C LYS A 39 33.07 15.51 -6.53
N GLN A 40 34.23 15.82 -5.97
CA GLN A 40 34.89 14.90 -5.05
C GLN A 40 34.13 14.68 -3.74
N CYS A 41 33.14 15.51 -3.46
CA CYS A 41 32.43 15.40 -2.20
C CYS A 41 31.14 14.58 -2.30
N VAL A 42 30.82 14.14 -3.51
CA VAL A 42 29.53 13.48 -3.77
C VAL A 42 29.44 12.06 -3.22
N ARG A 43 30.51 11.29 -3.37
CA ARG A 43 30.51 9.91 -2.88
C ARG A 43 30.13 9.83 -1.40
N GLN A 44 30.88 10.54 -0.59
CA GLN A 44 30.64 10.56 0.84
C GLN A 44 29.21 11.01 1.23
N ALA A 45 28.65 11.95 0.47
CA ALA A 45 27.31 12.45 0.76
C ALA A 45 26.28 11.34 0.59
N ILE A 46 26.44 10.55 -0.46
CA ILE A 46 25.54 9.45 -0.75
C ILE A 46 25.72 8.29 0.25
N GLU A 47 26.97 7.97 0.56
CA GLU A 47 27.28 6.93 1.54
C GLU A 47 26.64 7.25 2.89
N ARG A 48 26.71 8.52 3.30
CA ARG A 48 26.17 8.93 4.59
C ARG A 48 24.64 8.85 4.59
N ALA A 49 24.04 9.18 3.46
CA ALA A 49 22.59 9.11 3.29
C ALA A 49 22.11 7.66 3.43
N VAL A 50 22.75 6.76 2.70
CA VAL A 50 22.43 5.34 2.82
C VAL A 50 22.72 4.84 4.24
N GLN A 51 23.88 5.22 4.79
CA GLN A 51 24.25 4.78 6.14
C GLN A 51 23.19 5.10 7.19
N GLU A 52 22.65 6.32 7.14
CA GLU A 52 21.68 6.75 8.16
C GLU A 52 20.30 6.16 7.89
N LEU A 53 20.03 5.73 6.66
CA LEU A 53 18.68 5.24 6.36
C LEU A 53 18.53 3.73 6.30
N VAL A 54 19.62 3.00 6.10
CA VAL A 54 19.45 1.58 5.74
C VAL A 54 18.77 0.75 6.84
N HIS A 55 19.19 0.90 8.10
CA HIS A 55 18.60 0.05 9.15
C HIS A 55 17.13 0.34 9.44
N PRO A 56 16.72 1.62 9.56
CA PRO A 56 15.28 1.87 9.72
C PRO A 56 14.44 1.39 8.55
N VAL A 57 14.92 1.61 7.33
CA VAL A 57 14.15 1.14 6.18
C VAL A 57 14.07 -0.38 6.19
N VAL A 58 15.19 -1.01 6.53
CA VAL A 58 15.21 -2.48 6.49
C VAL A 58 14.24 -3.03 7.55
N ASP A 59 14.33 -2.50 8.76
CA ASP A 59 13.46 -2.96 9.83
C ASP A 59 11.99 -2.73 9.51
N ARG A 60 11.65 -1.56 8.96
CA ARG A 60 10.24 -1.27 8.67
C ARG A 60 9.65 -2.15 7.57
N SER A 61 10.44 -2.40 6.54
CA SER A 61 10.00 -3.19 5.39
C SER A 61 9.76 -4.63 5.79
N ILE A 62 10.70 -5.20 6.51
CA ILE A 62 10.54 -6.58 6.99
C ILE A 62 9.30 -6.70 7.89
N LYS A 63 9.12 -5.72 8.79
CA LYS A 63 7.99 -5.73 9.72
C LYS A 63 6.66 -5.72 8.96
N ILE A 64 6.55 -4.86 7.95
CA ILE A 64 5.34 -4.79 7.15
C ILE A 64 5.11 -6.08 6.37
N ALA A 65 6.17 -6.60 5.74
CA ALA A 65 6.01 -7.74 4.86
C ALA A 65 5.71 -9.04 5.60
N MET A 66 6.26 -9.18 6.80
CA MET A 66 6.28 -10.45 7.54
C MET A 66 4.89 -11.07 7.73
N THR A 67 3.98 -10.28 8.31
CA THR A 67 2.65 -10.78 8.67
C THR A 67 1.90 -11.26 7.44
N THR A 68 1.95 -10.47 6.38
CA THR A 68 1.27 -10.81 5.14
C THR A 68 1.80 -12.10 4.53
N CYS A 69 3.12 -12.22 4.43
CA CYS A 69 3.72 -13.43 3.88
C CYS A 69 3.40 -14.68 4.74
N GLU A 70 3.56 -14.56 6.05
CA GLU A 70 3.32 -15.70 6.95
C GLU A 70 1.89 -16.21 6.82
N GLN A 71 0.92 -15.29 6.82
CA GLN A 71 -0.49 -15.65 6.80
C GLN A 71 -0.89 -16.28 5.47
N ILE A 72 -0.42 -15.72 4.36
CA ILE A 72 -0.78 -16.25 3.05
C ILE A 72 -0.12 -17.64 2.82
N VAL A 73 1.14 -17.77 3.18
CA VAL A 73 1.85 -19.05 3.00
C VAL A 73 1.25 -20.13 3.89
N ARG A 74 0.95 -19.81 5.15
CA ARG A 74 0.31 -20.74 6.07
C ARG A 74 -1.00 -21.25 5.47
N LYS A 75 -1.77 -20.33 4.91
CA LYS A 75 -3.05 -20.65 4.27
C LYS A 75 -2.88 -21.56 3.03
N ASP A 76 -1.98 -21.19 2.11
CA ASP A 76 -1.79 -21.93 0.85
C ASP A 76 -1.26 -23.36 1.08
N PHE A 77 -0.43 -23.55 2.10
CA PHE A 77 0.24 -24.83 2.27
C PHE A 77 -0.30 -25.62 3.45
N ALA A 78 -1.51 -25.27 3.90
CA ALA A 78 -2.14 -25.91 5.06
C ALA A 78 -2.34 -27.43 4.93
N LEU A 79 -2.55 -27.92 3.72
CA LEU A 79 -2.74 -29.36 3.51
C LEU A 79 -1.46 -30.07 3.06
N ASP A 80 -0.35 -29.33 3.06
CA ASP A 80 0.96 -29.82 2.63
C ASP A 80 1.79 -30.27 3.84
N SER A 81 2.06 -31.55 3.91
CA SER A 81 2.67 -32.14 5.10
C SER A 81 4.18 -31.93 5.11
N GLU A 82 4.72 -31.57 3.95
CA GLU A 82 6.15 -31.33 3.79
C GLU A 82 6.52 -29.89 4.13
N GLU A 83 7.72 -29.68 4.65
CA GLU A 83 8.15 -28.34 5.05
C GLU A 83 8.87 -27.66 3.90
N SER A 84 9.46 -28.47 3.02
CA SER A 84 10.32 -27.98 1.94
C SER A 84 9.68 -26.96 1.00
N ARG A 85 8.56 -27.33 0.38
CA ARG A 85 7.92 -26.44 -0.60
C ARG A 85 7.47 -25.15 0.07
N MET A 86 6.95 -25.29 1.28
CA MET A 86 6.47 -24.13 2.04
C MET A 86 7.60 -23.15 2.37
N ARG A 87 8.73 -23.69 2.83
CA ARG A 87 9.88 -22.86 3.18
C ARG A 87 10.39 -22.06 1.98
N ILE A 88 10.52 -22.72 0.83
CA ILE A 88 11.00 -22.07 -0.39
C ILE A 88 10.01 -21.02 -0.89
N ALA A 89 8.73 -21.36 -0.93
CA ALA A 89 7.70 -20.39 -1.31
C ALA A 89 7.73 -19.17 -0.40
N ALA A 90 7.80 -19.41 0.90
CA ALA A 90 7.84 -18.33 1.88
C ALA A 90 9.07 -17.44 1.68
N HIS A 91 10.22 -18.09 1.52
CA HIS A 91 11.48 -17.43 1.19
C HIS A 91 11.29 -16.43 0.03
N HIS A 92 10.74 -16.92 -1.07
CA HIS A 92 10.61 -16.13 -2.30
C HIS A 92 9.62 -15.00 -2.16
N MET A 93 8.46 -15.29 -1.56
CA MET A 93 7.45 -14.25 -1.37
C MET A 93 7.92 -13.17 -0.41
N MET A 94 8.52 -13.57 0.71
CA MET A 94 8.98 -12.59 1.71
C MET A 94 10.07 -11.69 1.15
N ARG A 95 11.04 -12.28 0.45
CA ARG A 95 12.10 -11.49 -0.18
C ARG A 95 11.52 -10.46 -1.14
N ASN A 96 10.50 -10.87 -1.87
CA ASN A 96 9.90 -10.02 -2.90
C ASN A 96 9.09 -8.90 -2.26
N LEU A 97 8.21 -9.24 -1.32
CA LEU A 97 7.37 -8.20 -0.70
C LEU A 97 8.21 -7.28 0.19
N THR A 98 9.30 -7.79 0.75
CA THR A 98 10.20 -6.94 1.53
C THR A 98 10.93 -5.95 0.60
N ALA A 99 11.41 -6.44 -0.54
CA ALA A 99 12.08 -5.57 -1.51
C ALA A 99 11.12 -4.48 -1.99
N GLY A 100 9.86 -4.84 -2.18
CA GLY A 100 8.86 -3.89 -2.65
C GLY A 100 8.60 -2.80 -1.63
N MET A 101 8.41 -3.20 -0.38
CA MET A 101 8.16 -2.24 0.68
C MET A 101 9.39 -1.37 0.93
N ALA A 102 10.59 -1.94 0.83
CA ALA A 102 11.80 -1.14 0.97
C ALA A 102 11.89 -0.06 -0.11
N MET A 103 11.53 -0.42 -1.34
CA MET A 103 11.59 0.56 -2.43
C MET A 103 10.64 1.72 -2.15
N ILE A 104 9.43 1.40 -1.69
CA ILE A 104 8.43 2.43 -1.42
C ILE A 104 8.86 3.31 -0.25
N THR A 105 9.45 2.68 0.75
CA THR A 105 9.79 3.36 1.99
C THR A 105 10.99 4.28 1.87
N CYS A 106 11.99 3.91 1.05
CA CYS A 106 13.24 4.66 1.12
C CYS A 106 13.36 5.77 0.08
N ARG A 107 12.51 5.75 -0.93
CA ARG A 107 12.60 6.67 -2.06
C ARG A 107 12.67 8.15 -1.65
N GLU A 108 11.59 8.66 -1.05
CA GLU A 108 11.52 10.06 -0.67
C GLU A 108 12.52 10.46 0.43
N PRO A 109 12.71 9.61 1.46
CA PRO A 109 13.73 10.00 2.45
C PRO A 109 15.14 10.03 1.85
N LEU A 110 15.45 9.15 0.92
CA LEU A 110 16.76 9.16 0.28
C LEU A 110 17.00 10.47 -0.48
N LEU A 111 16.00 10.91 -1.24
CA LEU A 111 16.07 12.19 -1.95
C LEU A 111 16.31 13.34 -1.00
N MET A 112 15.54 13.39 0.08
CA MET A 112 15.67 14.49 1.04
C MET A 112 17.06 14.46 1.68
N SER A 113 17.50 13.26 2.08
CA SER A 113 18.77 13.10 2.78
C SER A 113 19.99 13.30 1.88
N ILE A 114 19.95 12.77 0.67
CA ILE A 114 21.06 12.95 -0.26
C ILE A 114 21.22 14.45 -0.61
N SER A 115 20.10 15.13 -0.82
CA SER A 115 20.13 16.56 -1.18
C SER A 115 20.67 17.43 -0.04
N THR A 116 20.18 17.20 1.17
CA THR A 116 20.66 17.94 2.33
C THR A 116 22.16 17.75 2.52
N ASN A 117 22.64 16.51 2.39
CA ASN A 117 24.06 16.21 2.55
C ASN A 117 24.94 16.93 1.54
N LEU A 118 24.49 17.00 0.30
CA LEU A 118 25.26 17.68 -0.75
C LEU A 118 25.29 19.19 -0.55
N LYS A 119 24.13 19.79 -0.33
CA LYS A 119 24.04 21.23 -0.11
C LYS A 119 24.90 21.63 1.09
N ASN A 120 24.89 20.82 2.13
CA ASN A 120 25.76 21.04 3.28
C ASN A 120 27.25 20.98 2.90
N SER A 121 27.63 19.93 2.17
CA SER A 121 29.01 19.76 1.76
C SER A 121 29.46 20.85 0.80
N PHE A 122 28.59 21.18 -0.15
CA PHE A 122 28.87 22.25 -1.10
C PHE A 122 29.10 23.58 -0.38
N ALA A 123 28.20 23.92 0.54
CA ALA A 123 28.28 25.20 1.24
C ALA A 123 29.55 25.33 2.08
N SER A 124 29.91 24.26 2.79
CA SER A 124 31.09 24.28 3.65
C SER A 124 32.37 24.40 2.83
N ALA A 125 32.41 23.74 1.68
CA ALA A 125 33.58 23.77 0.80
C ALA A 125 33.78 25.14 0.18
N LEU A 126 32.71 25.68 -0.41
CA LEU A 126 32.79 26.96 -1.12
C LEU A 126 31.55 27.82 -0.90
N ARG A 127 31.61 28.77 0.03
CA ARG A 127 32.82 29.01 0.81
C ARG A 127 32.61 29.28 2.31
N THR A 128 31.76 30.20 2.80
CA THR A 128 30.65 31.06 2.26
C THR A 128 30.26 31.25 0.77
N ALA A 129 28.95 31.14 0.52
CA ALA A 129 28.40 31.28 -0.84
C ALA A 129 27.69 32.63 -1.12
N SER A 130 26.65 32.58 -1.96
CA SER A 130 26.02 33.76 -2.54
C SER A 130 24.69 33.40 -3.25
N PRO A 131 23.75 34.35 -3.35
CA PRO A 131 22.40 34.06 -3.89
C PRO A 131 22.37 33.44 -5.30
N GLN A 132 23.38 33.70 -6.12
CA GLN A 132 23.42 33.15 -7.48
C GLN A 132 24.15 31.83 -7.55
N GLN A 133 24.90 31.47 -6.51
CA GLN A 133 25.57 30.18 -6.49
C GLN A 133 24.80 29.21 -5.56
N ARG A 134 24.13 29.75 -4.54
CA ARG A 134 23.31 28.92 -3.64
C ARG A 134 22.15 28.32 -4.41
N GLU A 135 21.78 28.94 -5.52
CA GLU A 135 20.79 28.39 -6.43
C GLU A 135 21.41 27.30 -7.30
N MET A 136 22.67 27.50 -7.72
CA MET A 136 23.41 26.44 -8.41
C MET A 136 23.60 25.26 -7.48
N MET A 137 23.91 25.54 -6.22
CA MET A 137 24.02 24.49 -5.21
C MET A 137 22.73 23.71 -5.04
N ASP A 138 21.63 24.42 -4.83
CA ASP A 138 20.35 23.73 -4.60
C ASP A 138 19.95 22.94 -5.84
N GLN A 139 20.24 23.50 -7.02
CA GLN A 139 19.97 22.83 -8.28
C GLN A 139 20.78 21.53 -8.36
N ALA A 140 22.09 21.65 -8.19
CA ALA A 140 22.99 20.50 -8.23
C ALA A 140 22.58 19.39 -7.28
N ALA A 141 22.33 19.75 -6.03
CA ALA A 141 21.97 18.79 -4.99
C ALA A 141 20.71 18.01 -5.33
N ALA A 142 19.69 18.71 -5.82
CA ALA A 142 18.43 18.06 -6.18
C ALA A 142 18.62 17.10 -7.34
N GLN A 143 19.41 17.51 -8.33
CA GLN A 143 19.62 16.70 -9.52
C GLN A 143 20.44 15.46 -9.20
N LEU A 144 21.54 15.63 -8.46
CA LEU A 144 22.36 14.50 -8.06
C LEU A 144 21.57 13.48 -7.26
N ALA A 145 20.68 13.96 -6.40
CA ALA A 145 19.83 13.07 -5.63
C ALA A 145 18.95 12.25 -6.56
N GLN A 146 18.32 12.93 -7.52
CA GLN A 146 17.49 12.23 -8.52
C GLN A 146 18.33 11.19 -9.27
N ASP A 147 19.56 11.55 -9.60
CA ASP A 147 20.40 10.67 -10.43
C ASP A 147 20.94 9.43 -9.70
N ASN A 148 20.90 9.45 -8.37
CA ASN A 148 21.55 8.37 -7.63
C ASN A 148 20.62 7.68 -6.65
N CYS A 149 19.34 8.00 -6.75
CA CYS A 149 18.36 7.44 -5.85
C CYS A 149 18.13 5.96 -6.11
N GLU A 150 18.07 5.57 -7.39
CA GLU A 150 17.84 4.17 -7.72
C GLU A 150 18.95 3.30 -7.15
N LEU A 151 20.19 3.76 -7.31
CA LEU A 151 21.35 3.07 -6.77
C LEU A 151 21.27 2.88 -5.25
N ALA A 152 21.04 3.98 -4.54
CA ALA A 152 20.98 3.96 -3.09
C ALA A 152 19.84 3.06 -2.61
N CYS A 153 18.70 3.18 -3.26
CA CYS A 153 17.53 2.38 -2.95
C CYS A 153 17.82 0.88 -3.11
N CYS A 154 18.41 0.50 -4.25
CA CYS A 154 18.79 -0.90 -4.50
C CYS A 154 19.73 -1.48 -3.44
N PHE A 155 20.72 -0.69 -3.03
CA PHE A 155 21.60 -1.07 -1.94
C PHE A 155 20.78 -1.41 -0.70
N ILE A 156 19.79 -0.58 -0.39
CA ILE A 156 19.01 -0.76 0.82
C ILE A 156 18.02 -1.92 0.67
N GLN A 157 17.40 -2.01 -0.50
CA GLN A 157 16.53 -3.15 -0.82
C GLN A 157 17.25 -4.47 -0.64
N LYS A 158 18.46 -4.53 -1.18
CA LYS A 158 19.20 -5.79 -1.17
C LYS A 158 19.56 -6.15 0.26
N THR A 159 19.97 -5.15 1.03
CA THR A 159 20.27 -5.37 2.44
C THR A 159 19.05 -5.98 3.15
N ALA A 160 17.87 -5.47 2.83
CA ALA A 160 16.61 -5.94 3.44
C ALA A 160 16.24 -7.36 3.00
N VAL A 161 16.35 -7.62 1.70
CA VAL A 161 16.12 -8.95 1.13
C VAL A 161 17.00 -10.01 1.81
N GLU A 162 18.27 -9.69 1.99
CA GLU A 162 19.22 -10.63 2.61
C GLU A 162 18.86 -10.89 4.07
N LYS A 163 18.29 -9.91 4.76
CA LYS A 163 17.94 -10.10 6.15
C LYS A 163 16.57 -10.76 6.29
N ALA A 164 15.74 -10.63 5.25
CA ALA A 164 14.35 -11.10 5.33
C ALA A 164 14.22 -12.62 5.45
N GLY A 165 15.03 -13.33 4.67
CA GLY A 165 14.96 -14.78 4.58
C GLY A 165 15.02 -15.50 5.91
N PRO A 166 16.11 -15.30 6.67
CA PRO A 166 16.23 -15.93 7.98
C PRO A 166 15.14 -15.48 8.95
N GLU A 167 14.62 -14.26 8.79
CA GLU A 167 13.57 -13.77 9.68
C GLU A 167 12.30 -14.56 9.41
N MET A 168 12.06 -14.84 8.14
CA MET A 168 10.89 -15.62 7.77
C MET A 168 11.01 -17.06 8.28
N ASP A 169 12.23 -17.62 8.18
CA ASP A 169 12.49 -18.97 8.70
C ASP A 169 12.10 -19.07 10.15
N LYS A 170 12.40 -18.03 10.92
CA LYS A 170 12.10 -18.04 12.34
C LYS A 170 10.61 -17.88 12.59
N ARG A 171 9.94 -17.06 11.78
CA ARG A 171 8.52 -16.86 11.98
C ARG A 171 7.72 -18.14 11.69
N LEU A 172 8.21 -18.96 10.76
CA LEU A 172 7.50 -20.17 10.35
C LEU A 172 7.93 -21.39 11.15
N ALA A 173 8.67 -21.15 12.23
CA ALA A 173 9.20 -22.25 13.03
C ALA A 173 8.10 -23.19 13.50
N THR A 174 7.00 -22.64 14.01
CA THR A 174 5.94 -23.49 14.56
C THR A 174 5.24 -24.29 13.46
N GLU A 175 5.09 -23.69 12.27
CA GLU A 175 4.58 -24.42 11.10
C GLU A 175 5.48 -25.58 10.75
N PHE A 176 6.78 -25.34 10.83
CA PHE A 176 7.73 -26.40 10.57
C PHE A 176 7.60 -27.45 11.67
N GLU A 177 7.31 -26.99 12.89
CA GLU A 177 7.23 -27.90 14.05
C GLU A 177 5.98 -28.76 14.01
N LEU A 178 4.88 -28.20 13.53
CA LEU A 178 3.65 -28.95 13.35
C LEU A 178 3.88 -30.15 12.44
N ARG A 179 4.57 -29.92 11.33
CA ARG A 179 4.80 -30.97 10.34
C ARG A 179 5.78 -32.00 10.87
N LYS A 180 6.87 -31.54 11.45
CA LYS A 180 7.91 -32.43 11.98
C LYS A 180 7.38 -33.32 13.13
N HIS A 181 6.61 -32.72 14.02
CA HIS A 181 6.04 -33.46 15.14
C HIS A 181 5.04 -34.50 14.66
N ALA A 182 4.29 -34.15 13.63
CA ALA A 182 3.32 -35.08 13.04
C ALA A 182 4.04 -36.28 12.45
N ARG A 183 5.07 -36.02 11.66
CA ARG A 183 5.86 -37.08 11.03
C ARG A 183 6.47 -38.04 12.07
N GLN A 184 6.83 -37.51 13.24
CA GLN A 184 7.34 -38.34 14.32
C GLN A 184 6.29 -39.32 14.81
N GLU A 185 5.03 -38.90 14.82
CA GLU A 185 3.93 -39.74 15.27
C GLU A 185 3.45 -40.68 14.17
N GLY A 186 4.21 -40.77 13.08
CA GLY A 186 3.83 -41.60 11.94
C GLY A 186 2.71 -41.06 11.05
N ARG A 187 2.38 -39.78 11.17
CA ARG A 187 1.29 -39.25 10.34
C ARG A 187 1.63 -37.96 9.61
N ARG A 188 0.86 -37.65 8.57
CA ARG A 188 1.02 -36.42 7.82
C ARG A 188 0.23 -35.31 8.49
N TYR A 189 0.86 -34.16 8.65
CA TYR A 189 0.15 -33.02 9.20
C TYR A 189 -0.83 -32.49 8.16
N CYS A 190 -2.05 -32.25 8.61
CA CYS A 190 -3.12 -31.64 7.82
C CYS A 190 -3.93 -30.74 8.73
N ASP A 191 -3.92 -29.44 8.48
CA ASP A 191 -4.74 -28.52 9.25
C ASP A 191 -6.20 -29.01 9.23
N PRO A 192 -6.72 -29.40 10.40
CA PRO A 192 -8.05 -30.03 10.42
C PRO A 192 -9.17 -29.09 9.94
N VAL A 193 -9.08 -27.81 10.28
CA VAL A 193 -10.09 -26.84 9.87
C VAL A 193 -10.08 -26.70 8.35
N VAL A 194 -8.89 -26.55 7.78
CA VAL A 194 -8.76 -26.42 6.34
C VAL A 194 -9.17 -27.71 5.66
N LEU A 195 -8.82 -28.86 6.25
CA LEU A 195 -9.16 -30.12 5.61
C LEU A 195 -10.68 -30.26 5.43
N THR A 196 -11.41 -29.90 6.47
CA THR A 196 -12.87 -30.00 6.46
C THR A 196 -13.48 -29.01 5.46
N TYR A 197 -13.04 -27.76 5.54
CA TYR A 197 -13.55 -26.72 4.63
C TYR A 197 -13.34 -27.10 3.15
N GLN A 198 -12.12 -27.46 2.79
CA GLN A 198 -11.81 -27.83 1.40
C GLN A 198 -12.62 -29.05 0.94
N ALA A 199 -12.65 -30.11 1.73
CA ALA A 199 -13.41 -31.30 1.34
C ALA A 199 -14.91 -31.02 1.24
N GLU A 200 -15.45 -30.19 2.12
CA GLU A 200 -16.90 -30.04 2.17
C GLU A 200 -17.43 -28.88 1.30
N ARG A 201 -16.64 -27.84 1.14
CA ARG A 201 -17.18 -26.58 0.61
C ARG A 201 -16.59 -26.10 -0.72
N MET A 202 -15.37 -26.51 -1.05
CA MET A 202 -14.74 -25.94 -2.23
C MET A 202 -15.02 -26.73 -3.50
N PRO A 203 -15.30 -26.02 -4.61
CA PRO A 203 -15.57 -26.71 -5.88
C PRO A 203 -14.34 -27.48 -6.32
N GLU A 204 -14.55 -28.66 -6.89
CA GLU A 204 -13.48 -29.62 -7.15
C GLU A 204 -12.33 -29.02 -7.97
N GLN A 205 -12.67 -28.17 -8.93
CA GLN A 205 -11.67 -27.63 -9.84
C GLN A 205 -10.68 -26.68 -9.17
N ILE A 206 -11.04 -26.14 -8.01
CA ILE A 206 -10.15 -25.18 -7.32
C ILE A 206 -9.81 -25.57 -5.87
N ARG A 207 -10.32 -26.72 -5.45
CA ARG A 207 -10.10 -27.31 -4.12
C ARG A 207 -8.60 -27.54 -3.86
N LEU A 208 -8.12 -27.23 -2.66
CA LEU A 208 -6.78 -27.68 -2.25
C LEU A 208 -6.77 -29.19 -2.09
N LYS A 209 -5.80 -29.87 -2.67
CA LYS A 209 -5.78 -31.34 -2.61
C LYS A 209 -4.92 -31.89 -1.46
N VAL A 210 -5.36 -33.00 -0.89
CA VAL A 210 -4.56 -33.69 0.10
C VAL A 210 -3.33 -34.23 -0.61
N GLY A 211 -3.54 -34.73 -1.83
CA GLY A 211 -2.49 -35.29 -2.66
C GLY A 211 -1.36 -34.32 -2.98
N GLY A 212 -1.61 -33.04 -2.83
CA GLY A 212 -0.57 -32.05 -3.01
C GLY A 212 -0.88 -31.02 -4.08
N VAL A 213 -0.01 -30.03 -4.17
CA VAL A 213 -0.11 -29.01 -5.19
C VAL A 213 0.67 -29.49 -6.41
N ASP A 214 0.08 -29.39 -7.61
CA ASP A 214 0.82 -29.79 -8.80
C ASP A 214 1.69 -28.61 -9.30
N PRO A 215 2.95 -28.93 -9.68
CA PRO A 215 4.04 -28.00 -10.02
C PRO A 215 3.63 -26.70 -10.71
N LYS A 216 2.69 -26.76 -11.65
CA LYS A 216 2.33 -25.57 -12.41
C LYS A 216 1.49 -24.59 -11.56
N GLN A 217 0.96 -25.07 -10.44
CA GLN A 217 0.22 -24.18 -9.54
C GLN A 217 1.16 -23.28 -8.74
N LEU A 218 2.43 -23.69 -8.67
CA LEU A 218 3.46 -22.94 -7.96
C LEU A 218 3.96 -21.73 -8.76
N ALA A 219 3.41 -21.54 -9.95
CA ALA A 219 3.87 -20.49 -10.86
C ALA A 219 3.92 -19.12 -10.16
N VAL A 220 2.95 -18.82 -9.30
CA VAL A 220 3.00 -17.53 -8.58
C VAL A 220 4.26 -17.39 -7.77
N TYR A 221 4.58 -18.45 -7.02
CA TYR A 221 5.69 -18.36 -6.08
C TYR A 221 7.02 -18.31 -6.82
N GLU A 222 7.12 -19.05 -7.93
CA GLU A 222 8.32 -18.98 -8.75
C GLU A 222 8.48 -17.59 -9.35
N GLU A 223 7.38 -16.93 -9.66
CA GLU A 223 7.47 -15.61 -10.26
C GLU A 223 8.02 -14.60 -9.24
N PHE A 224 7.71 -14.78 -7.96
CA PHE A 224 8.28 -13.93 -6.89
C PHE A 224 9.81 -13.99 -6.89
N ALA A 225 10.35 -15.18 -7.17
CA ALA A 225 11.80 -15.36 -7.25
C ALA A 225 12.37 -14.74 -8.53
N ARG A 226 11.66 -14.85 -9.64
CA ARG A 226 12.18 -14.38 -10.93
C ARG A 226 12.22 -12.86 -11.00
N ASN A 227 11.20 -12.23 -10.43
CA ASN A 227 10.90 -10.83 -10.69
C ASN A 227 10.73 -10.03 -9.42
N VAL A 228 11.85 -9.52 -8.92
CA VAL A 228 11.90 -8.73 -7.69
C VAL A 228 11.90 -7.25 -8.06
N PRO A 229 10.93 -6.49 -7.53
CA PRO A 229 10.80 -5.07 -7.91
C PRO A 229 12.08 -4.28 -7.62
N GLY A 230 12.52 -3.50 -8.59
CA GLY A 230 13.69 -2.65 -8.43
C GLY A 230 14.94 -3.24 -9.05
N PHE A 231 14.84 -4.50 -9.45
CA PHE A 231 15.98 -5.22 -9.99
C PHE A 231 15.62 -5.87 -11.32
N LEU A 232 16.58 -5.92 -12.25
CA LEU A 232 16.39 -6.68 -13.48
C LEU A 232 16.02 -8.11 -13.15
N PRO A 233 14.97 -8.62 -13.81
CA PRO A 233 14.54 -10.01 -13.57
C PRO A 233 15.66 -11.00 -13.92
N THR A 234 15.57 -12.21 -13.38
CA THR A 234 16.58 -13.22 -13.65
C THR A 234 16.17 -14.09 -14.83
N ASN A 235 17.14 -14.73 -15.46
CA ASN A 235 16.89 -15.63 -16.58
C ASN A 235 18.02 -16.65 -16.74
N ASP A 236 18.05 -17.33 -17.88
CA ASP A 236 19.08 -18.33 -18.15
C ASP A 236 20.50 -17.75 -18.30
N LEU A 237 20.70 -16.51 -17.85
CA LEU A 237 21.97 -15.80 -17.92
C LEU A 237 22.50 -15.71 -19.36
N GLN B 1 -24.03 -25.87 -15.52
CA GLN B 1 -22.81 -25.53 -14.78
C GLN B 1 -21.75 -24.96 -15.70
N VAL B 2 -22.18 -24.46 -16.86
CA VAL B 2 -21.26 -23.99 -17.90
C VAL B 2 -20.61 -22.64 -17.56
N ASP B 3 -21.40 -21.74 -16.96
CA ASP B 3 -20.87 -20.43 -16.60
C ASP B 3 -19.94 -20.55 -15.39
N ARG B 4 -20.24 -21.47 -14.47
CA ARG B 4 -19.45 -21.59 -13.26
C ARG B 4 -18.12 -22.31 -13.49
N GLU B 5 -18.10 -23.27 -14.40
CA GLU B 5 -16.83 -23.87 -14.80
C GLU B 5 -15.94 -22.83 -15.49
N LYS B 6 -16.56 -21.87 -16.17
CA LYS B 6 -15.83 -20.73 -16.70
C LYS B 6 -15.26 -19.88 -15.59
N ILE B 7 -15.86 -19.84 -14.40
CA ILE B 7 -15.27 -19.08 -13.31
C ILE B 7 -14.07 -19.82 -12.70
N TYR B 8 -14.17 -21.15 -12.61
CA TYR B 8 -13.09 -21.94 -12.01
C TYR B 8 -11.80 -21.90 -12.83
N GLN B 9 -11.91 -22.03 -14.15
CA GLN B 9 -10.75 -21.97 -15.04
C GLN B 9 -9.99 -20.63 -14.87
N TRP B 10 -10.71 -19.51 -14.86
CA TRP B 10 -10.11 -18.19 -14.70
C TRP B 10 -9.42 -18.09 -13.35
N ILE B 11 -10.05 -18.60 -12.30
CA ILE B 11 -9.41 -18.59 -11.00
C ILE B 11 -8.09 -19.38 -11.10
N ASN B 12 -8.14 -20.57 -11.69
CA ASN B 12 -6.92 -21.35 -11.90
C ASN B 12 -5.91 -20.67 -12.81
N GLU B 13 -6.38 -19.75 -13.65
CA GLU B 13 -5.48 -19.08 -14.58
C GLU B 13 -4.81 -17.84 -13.95
N LEU B 14 -5.16 -17.51 -12.71
CA LEU B 14 -4.54 -16.36 -12.05
C LEU B 14 -3.09 -16.63 -11.60
N SER B 15 -2.77 -17.88 -11.33
CA SER B 15 -1.43 -18.21 -10.83
C SER B 15 -0.30 -17.94 -11.82
N SER B 16 -0.48 -18.35 -13.07
CA SER B 16 0.54 -18.12 -14.09
C SER B 16 0.43 -16.71 -14.68
N PRO B 17 1.54 -15.97 -14.69
CA PRO B 17 1.61 -14.67 -15.36
C PRO B 17 1.17 -14.72 -16.83
N GLU B 18 1.25 -15.89 -17.46
CA GLU B 18 0.92 -16.03 -18.87
C GLU B 18 -0.57 -15.83 -19.14
N THR B 19 -1.39 -16.23 -18.18
CA THR B 19 -2.85 -16.23 -18.35
C THR B 19 -3.55 -15.28 -17.38
N ARG B 20 -2.79 -14.64 -16.51
CA ARG B 20 -3.40 -13.89 -15.41
C ARG B 20 -4.14 -12.63 -15.87
N GLU B 21 -3.55 -11.90 -16.81
CA GLU B 21 -4.14 -10.61 -17.19
C GLU B 21 -5.56 -10.79 -17.70
N ASN B 22 -5.75 -11.79 -18.55
CA ASN B 22 -7.08 -12.09 -19.06
C ASN B 22 -8.02 -12.62 -17.96
N ALA B 23 -7.49 -13.42 -17.04
CA ALA B 23 -8.33 -13.93 -15.96
C ALA B 23 -8.79 -12.79 -15.06
N LEU B 24 -7.89 -11.86 -14.78
CA LEU B 24 -8.24 -10.69 -13.97
C LEU B 24 -9.36 -9.90 -14.61
N LEU B 25 -9.30 -9.74 -15.93
CA LEU B 25 -10.28 -8.94 -16.65
C LEU B 25 -11.64 -9.58 -16.53
N GLU B 26 -11.70 -10.88 -16.79
CA GLU B 26 -12.98 -11.58 -16.86
C GLU B 26 -13.60 -11.72 -15.46
N LEU B 27 -12.77 -12.04 -14.47
CA LEU B 27 -13.29 -12.23 -13.12
C LEU B 27 -13.82 -10.91 -12.56
N SER B 28 -13.11 -9.81 -12.81
CA SER B 28 -13.53 -8.52 -12.27
C SER B 28 -14.90 -8.10 -12.82
N LYS B 29 -15.22 -8.56 -14.03
CA LYS B 29 -16.52 -8.26 -14.63
C LYS B 29 -17.67 -9.06 -14.02
N LYS B 30 -17.35 -10.20 -13.41
CA LYS B 30 -18.38 -11.14 -12.96
C LYS B 30 -18.58 -11.13 -11.44
N ARG B 31 -17.95 -10.19 -10.77
CA ARG B 31 -17.90 -10.24 -9.31
C ARG B 31 -19.23 -9.86 -8.65
N GLU B 32 -20.21 -9.45 -9.43
CA GLU B 32 -21.52 -9.17 -8.87
C GLU B 32 -22.60 -10.08 -9.43
N SER B 33 -22.19 -11.16 -10.09
CA SER B 33 -23.11 -12.22 -10.44
C SER B 33 -22.60 -13.53 -9.82
N VAL B 34 -21.50 -13.44 -9.08
CA VAL B 34 -20.97 -14.62 -8.39
C VAL B 34 -20.82 -14.31 -6.89
N PRO B 35 -21.88 -14.55 -6.12
CA PRO B 35 -21.92 -14.16 -4.70
C PRO B 35 -20.79 -14.77 -3.91
N ASP B 36 -20.37 -15.99 -4.27
CA ASP B 36 -19.35 -16.70 -3.48
C ASP B 36 -17.96 -16.56 -4.10
N LEU B 37 -17.76 -15.54 -4.92
CA LEU B 37 -16.45 -15.35 -5.53
C LEU B 37 -15.36 -15.10 -4.49
N ALA B 38 -15.66 -14.31 -3.46
CA ALA B 38 -14.61 -13.97 -2.50
C ALA B 38 -14.00 -15.21 -1.76
N PRO B 39 -14.83 -16.10 -1.19
CA PRO B 39 -14.16 -17.24 -0.55
C PRO B 39 -13.48 -18.20 -1.54
N MET B 40 -13.96 -18.29 -2.78
CA MET B 40 -13.25 -19.09 -3.79
C MET B 40 -11.87 -18.49 -4.10
N LEU B 41 -11.79 -17.16 -4.15
CA LEU B 41 -10.51 -16.48 -4.34
C LEU B 41 -9.58 -16.67 -3.14
N TRP B 42 -10.13 -16.47 -1.94
CA TRP B 42 -9.34 -16.57 -0.72
C TRP B 42 -8.79 -17.99 -0.53
N HIS B 43 -9.64 -18.98 -0.71
CA HIS B 43 -9.31 -20.34 -0.29
C HIS B 43 -8.68 -21.23 -1.35
N SER B 44 -8.52 -20.71 -2.57
CA SER B 44 -7.84 -21.45 -3.62
C SER B 44 -6.33 -21.24 -3.49
N PHE B 45 -5.52 -22.12 -4.10
CA PHE B 45 -4.08 -22.02 -3.93
C PHE B 45 -3.52 -20.87 -4.74
N GLY B 46 -2.74 -20.01 -4.08
CA GLY B 46 -1.90 -19.03 -4.74
C GLY B 46 -2.64 -17.81 -5.25
N THR B 47 -3.97 -17.79 -5.14
CA THR B 47 -4.73 -16.71 -5.75
C THR B 47 -4.47 -15.34 -5.10
N ILE B 48 -4.52 -15.28 -3.77
CA ILE B 48 -4.26 -14.02 -3.09
C ILE B 48 -2.81 -13.58 -3.29
N ALA B 49 -1.90 -14.56 -3.31
CA ALA B 49 -0.49 -14.28 -3.58
C ALA B 49 -0.34 -13.64 -4.96
N ALA B 50 -1.10 -14.11 -5.94
CA ALA B 50 -1.04 -13.53 -7.30
C ALA B 50 -1.56 -12.09 -7.32
N LEU B 51 -2.60 -11.82 -6.53
CA LEU B 51 -3.14 -10.46 -6.48
C LEU B 51 -2.16 -9.49 -5.79
N LEU B 52 -1.46 -9.98 -4.75
CA LEU B 52 -0.41 -9.20 -4.12
C LEU B 52 0.73 -8.95 -5.06
N GLN B 53 1.04 -9.97 -5.85
CA GLN B 53 2.08 -9.85 -6.85
C GLN B 53 1.77 -8.72 -7.85
N GLU B 54 0.50 -8.67 -8.30
CA GLU B 54 0.05 -7.63 -9.21
C GLU B 54 0.24 -6.23 -8.61
N ILE B 55 0.00 -6.14 -7.32
CA ILE B 55 0.12 -4.88 -6.60
C ILE B 55 1.57 -4.44 -6.50
N VAL B 56 2.42 -5.33 -6.00
CA VAL B 56 3.82 -5.00 -5.76
C VAL B 56 4.57 -4.75 -7.08
N ASN B 57 4.13 -5.41 -8.16
CA ASN B 57 4.83 -5.26 -9.44
C ASN B 57 4.65 -3.88 -10.04
N ILE B 58 3.71 -3.08 -9.54
CA ILE B 58 3.68 -1.71 -10.05
C ILE B 58 4.34 -0.69 -9.13
N TYR B 59 4.87 -1.13 -8.00
CA TYR B 59 5.63 -0.24 -7.12
C TYR B 59 6.78 0.51 -7.84
N PRO B 60 7.51 -0.15 -8.76
CA PRO B 60 8.56 0.62 -9.45
C PRO B 60 8.00 1.74 -10.35
N SER B 61 6.69 1.72 -10.58
CA SER B 61 6.08 2.73 -11.44
C SER B 61 5.48 3.89 -10.65
N ILE B 62 5.58 3.84 -9.32
CA ILE B 62 4.99 4.85 -8.46
C ILE B 62 5.88 6.06 -8.27
N ASN B 63 7.16 5.81 -8.05
CA ASN B 63 8.13 6.88 -7.83
C ASN B 63 9.44 6.58 -8.55
N PRO B 64 9.78 7.38 -9.59
CA PRO B 64 9.01 8.48 -10.19
C PRO B 64 7.70 7.99 -10.80
N PRO B 65 6.68 8.85 -10.85
CA PRO B 65 5.36 8.42 -11.30
C PRO B 65 5.28 8.23 -12.81
N THR B 66 5.28 6.97 -13.27
CA THR B 66 5.29 6.68 -14.71
C THR B 66 4.15 5.74 -15.09
N LEU B 67 3.30 5.41 -14.12
CA LEU B 67 2.17 4.51 -14.32
C LEU B 67 1.35 4.84 -15.56
N THR B 68 1.12 3.85 -16.42
CA THR B 68 0.36 4.05 -17.66
C THR B 68 -1.08 3.63 -17.47
N ALA B 69 -1.94 4.02 -18.41
CA ALA B 69 -3.33 3.59 -18.37
C ALA B 69 -3.42 2.06 -18.35
N HIS B 70 -2.64 1.40 -19.19
CA HIS B 70 -2.73 -0.06 -19.27
C HIS B 70 -2.33 -0.73 -17.95
N GLN B 71 -1.24 -0.26 -17.35
CA GLN B 71 -0.80 -0.76 -16.06
C GLN B 71 -1.86 -0.53 -14.99
N SER B 72 -2.45 0.66 -15.00
CA SER B 72 -3.44 1.03 -14.00
C SER B 72 -4.70 0.17 -14.13
N ASN B 73 -5.19 -0.02 -15.36
CA ASN B 73 -6.36 -0.85 -15.61
C ASN B 73 -6.13 -2.27 -15.11
N ARG B 74 -4.94 -2.79 -15.38
CA ARG B 74 -4.62 -4.14 -14.95
C ARG B 74 -4.62 -4.27 -13.41
N VAL B 75 -3.87 -3.43 -12.71
CA VAL B 75 -3.79 -3.60 -11.26
C VAL B 75 -5.16 -3.28 -10.65
N CYS B 76 -5.95 -2.42 -11.31
CA CYS B 76 -7.26 -2.09 -10.76
C CYS B 76 -8.24 -3.27 -10.87
N ASN B 77 -8.06 -4.13 -11.87
CA ASN B 77 -8.81 -5.39 -11.91
C ASN B 77 -8.45 -6.26 -10.71
N ALA B 78 -7.17 -6.30 -10.34
CA ALA B 78 -6.76 -7.06 -9.15
C ALA B 78 -7.34 -6.44 -7.89
N LEU B 79 -7.31 -5.11 -7.81
CA LEU B 79 -7.86 -4.38 -6.68
C LEU B 79 -9.36 -4.63 -6.61
N ALA B 80 -10.02 -4.75 -7.76
CA ALA B 80 -11.45 -5.04 -7.76
C ALA B 80 -11.71 -6.40 -7.11
N LEU B 81 -10.84 -7.37 -7.36
CA LEU B 81 -11.06 -8.67 -6.74
C LEU B 81 -10.77 -8.65 -5.23
N LEU B 82 -9.75 -7.89 -4.80
CA LEU B 82 -9.49 -7.72 -3.37
C LEU B 82 -10.63 -6.97 -2.68
N GLN B 83 -11.28 -6.04 -3.38
CA GLN B 83 -12.43 -5.38 -2.76
C GLN B 83 -13.53 -6.41 -2.47
N CYS B 84 -13.73 -7.33 -3.40
CA CYS B 84 -14.69 -8.41 -3.25
C CYS B 84 -14.39 -9.28 -2.00
N VAL B 85 -13.12 -9.60 -1.79
CA VAL B 85 -12.66 -10.33 -0.60
C VAL B 85 -12.82 -9.50 0.68
N ALA B 86 -12.57 -8.19 0.60
CA ALA B 86 -12.74 -7.31 1.75
C ALA B 86 -14.20 -7.19 2.21
N SER B 87 -15.14 -7.33 1.29
CA SER B 87 -16.57 -7.13 1.61
C SER B 87 -17.24 -8.37 2.19
N HIS B 88 -16.75 -9.54 1.85
CA HIS B 88 -17.46 -10.78 2.18
C HIS B 88 -17.31 -11.18 3.65
N PRO B 89 -18.44 -11.47 4.32
CA PRO B 89 -18.48 -11.88 5.73
C PRO B 89 -17.51 -13.03 6.04
N GLU B 90 -17.33 -13.95 5.08
CA GLU B 90 -16.50 -15.13 5.31
C GLU B 90 -15.01 -14.88 5.14
N THR B 91 -14.62 -13.82 4.45
CA THR B 91 -13.19 -13.57 4.20
C THR B 91 -12.65 -12.27 4.77
N ARG B 92 -13.54 -11.35 5.16
CA ARG B 92 -13.11 -10.06 5.68
C ARG B 92 -12.10 -10.16 6.82
N SER B 93 -12.36 -11.02 7.81
CA SER B 93 -11.45 -11.10 8.95
C SER B 93 -10.07 -11.65 8.60
N ALA B 94 -10.04 -12.68 7.76
CA ALA B 94 -8.76 -13.23 7.28
C ALA B 94 -7.99 -12.21 6.42
N PHE B 95 -8.72 -11.47 5.61
CA PHE B 95 -8.12 -10.41 4.80
C PHE B 95 -7.43 -9.37 5.69
N LEU B 96 -8.13 -8.96 6.73
CA LEU B 96 -7.59 -7.98 7.68
C LEU B 96 -6.40 -8.56 8.45
N ALA B 97 -6.50 -9.82 8.86
CA ALA B 97 -5.42 -10.45 9.63
C ALA B 97 -4.15 -10.57 8.80
N ALA B 98 -4.30 -10.70 7.48
CA ALA B 98 -3.12 -10.79 6.60
C ALA B 98 -2.54 -9.39 6.28
N HIS B 99 -3.11 -8.34 6.89
CA HIS B 99 -2.65 -6.96 6.69
C HIS B 99 -2.56 -6.54 5.24
N ILE B 100 -3.44 -7.11 4.42
CA ILE B 100 -3.37 -6.81 2.99
C ILE B 100 -3.59 -5.31 2.67
N PRO B 101 -4.42 -4.59 3.44
CA PRO B 101 -4.53 -3.15 3.12
C PRO B 101 -3.21 -2.37 3.16
N LEU B 102 -2.24 -2.82 3.94
CA LEU B 102 -0.95 -2.11 4.01
C LEU B 102 -0.28 -2.02 2.64
N PHE B 103 -0.53 -2.99 1.77
CA PHE B 103 0.13 -2.97 0.47
C PHE B 103 -0.58 -2.04 -0.52
N LEU B 104 -1.70 -1.48 -0.08
CA LEU B 104 -2.43 -0.46 -0.83
C LEU B 104 -2.03 0.95 -0.46
N TYR B 105 -1.52 1.14 0.76
CA TYR B 105 -1.23 2.49 1.25
C TYR B 105 -0.23 3.27 0.35
N PRO B 106 0.77 2.59 -0.27
CA PRO B 106 1.64 3.34 -1.21
C PRO B 106 0.86 3.96 -2.38
N PHE B 107 -0.20 3.31 -2.83
CA PHE B 107 -1.04 3.91 -3.86
C PHE B 107 -1.74 5.14 -3.33
N LEU B 108 -2.23 5.08 -2.09
CA LEU B 108 -3.00 6.18 -1.51
C LEU B 108 -2.10 7.38 -1.30
N HIS B 109 -0.81 7.12 -1.13
CA HIS B 109 0.14 8.19 -0.88
C HIS B 109 0.54 8.97 -2.15
N THR B 110 0.22 8.45 -3.33
CA THR B 110 0.62 9.13 -4.57
C THR B 110 -0.11 10.45 -4.70
N VAL B 111 0.48 11.40 -5.41
CA VAL B 111 -0.18 12.69 -5.59
C VAL B 111 -0.33 13.08 -7.05
N SER B 112 0.19 12.27 -7.96
CA SER B 112 0.10 12.58 -9.38
C SER B 112 -1.36 12.73 -9.80
N LYS B 113 -1.66 13.74 -10.61
CA LYS B 113 -3.05 13.97 -10.98
C LYS B 113 -3.41 13.44 -12.37
N THR B 114 -2.62 12.50 -12.89
CA THR B 114 -2.97 11.94 -14.18
C THR B 114 -4.09 10.92 -13.97
N ARG B 115 -4.84 10.63 -15.02
CA ARG B 115 -5.95 9.68 -14.92
C ARG B 115 -5.53 8.27 -14.48
N PRO B 116 -4.38 7.75 -14.95
CA PRO B 116 -4.02 6.43 -14.40
C PRO B 116 -3.84 6.41 -12.88
N PHE B 117 -3.26 7.45 -12.30
CA PHE B 117 -3.10 7.50 -10.84
C PHE B 117 -4.39 7.81 -10.10
N GLU B 118 -5.28 8.62 -10.67
CA GLU B 118 -6.53 8.95 -9.98
C GLU B 118 -7.40 7.69 -9.91
N TYR B 119 -7.43 6.95 -11.00
CA TYR B 119 -8.14 5.70 -11.03
C TYR B 119 -7.52 4.71 -10.02
N LEU B 120 -6.20 4.70 -9.93
CA LEU B 120 -5.51 3.83 -8.97
C LEU B 120 -5.90 4.19 -7.52
N ARG B 121 -5.91 5.47 -7.20
CA ARG B 121 -6.26 5.90 -5.85
C ARG B 121 -7.74 5.60 -5.53
N LEU B 122 -8.63 5.91 -6.47
CA LEU B 122 -10.07 5.67 -6.28
C LEU B 122 -10.37 4.21 -6.04
N THR B 123 -9.70 3.35 -6.78
CA THR B 123 -9.96 1.91 -6.69
C THR B 123 -9.40 1.36 -5.37
N SER B 124 -8.22 1.85 -4.98
CA SER B 124 -7.65 1.48 -3.68
C SER B 124 -8.55 1.94 -2.54
N LEU B 125 -9.02 3.19 -2.61
CA LEU B 125 -9.97 3.72 -1.65
C LEU B 125 -11.20 2.83 -1.55
N GLY B 126 -11.64 2.31 -2.70
CA GLY B 126 -12.81 1.44 -2.76
C GLY B 126 -12.59 0.16 -1.94
N VAL B 127 -11.36 -0.33 -1.91
CA VAL B 127 -11.08 -1.53 -1.07
C VAL B 127 -11.26 -1.21 0.42
N ILE B 128 -10.65 -0.12 0.88
CA ILE B 128 -10.81 0.32 2.26
C ILE B 128 -12.28 0.61 2.55
N GLY B 129 -12.96 1.27 1.61
CA GLY B 129 -14.39 1.57 1.77
C GLY B 129 -15.26 0.33 1.96
N ALA B 130 -14.95 -0.73 1.23
CA ALA B 130 -15.65 -2.00 1.39
C ALA B 130 -15.39 -2.59 2.79
N LEU B 131 -14.16 -2.46 3.27
CA LEU B 131 -13.81 -2.90 4.63
C LEU B 131 -14.67 -2.26 5.70
N VAL B 132 -14.81 -0.94 5.67
CA VAL B 132 -15.45 -0.25 6.78
C VAL B 132 -16.96 -0.17 6.62
N LYS B 133 -17.47 -0.60 5.46
CA LYS B 133 -18.92 -0.53 5.24
C LYS B 133 -19.60 -1.53 6.14
N THR B 134 -18.92 -2.66 6.33
CA THR B 134 -19.43 -3.80 7.09
C THR B 134 -19.56 -3.51 8.58
N ASP B 135 -19.00 -2.38 9.01
CA ASP B 135 -19.10 -1.91 10.39
C ASP B 135 -18.60 -2.89 11.44
N GLU B 136 -17.44 -3.49 11.21
CA GLU B 136 -16.77 -4.27 12.25
C GLU B 136 -15.84 -3.34 13.02
N GLN B 137 -15.67 -3.58 14.31
CA GLN B 137 -14.79 -2.69 15.06
C GLN B 137 -13.33 -3.18 14.98
N GLU B 138 -13.13 -4.45 14.63
CA GLU B 138 -11.78 -4.96 14.35
C GLU B 138 -11.16 -4.14 13.20
N VAL B 139 -11.99 -3.77 12.23
CA VAL B 139 -11.51 -2.97 11.11
C VAL B 139 -11.04 -1.58 11.56
N ILE B 140 -11.83 -0.88 12.38
CA ILE B 140 -11.44 0.47 12.80
C ILE B 140 -10.15 0.44 13.65
N ASN B 141 -10.07 -0.49 14.59
CA ASN B 141 -8.83 -0.72 15.34
C ASN B 141 -7.61 -0.84 14.45
N PHE B 142 -7.71 -1.65 13.40
CA PHE B 142 -6.61 -1.81 12.46
C PHE B 142 -6.29 -0.49 11.76
N LEU B 143 -7.32 0.23 11.31
CA LEU B 143 -7.06 1.47 10.58
C LEU B 143 -6.37 2.49 11.47
N LEU B 144 -6.80 2.55 12.73
CA LEU B 144 -6.28 3.54 13.67
C LEU B 144 -4.78 3.35 13.93
N THR B 145 -4.34 2.10 13.96
CA THR B 145 -2.94 1.85 14.26
C THR B 145 -2.10 1.75 12.99
N THR B 146 -2.68 2.12 11.84
CA THR B 146 -1.91 2.01 10.61
C THR B 146 -1.84 3.33 9.86
N GLU B 147 -2.32 4.41 10.50
CA GLU B 147 -2.12 5.75 9.97
C GLU B 147 -2.64 5.91 8.54
N ILE B 148 -3.89 5.51 8.32
CA ILE B 148 -4.60 5.79 7.08
C ILE B 148 -5.37 7.11 7.16
N ILE B 149 -5.55 7.64 8.36
CA ILE B 149 -6.26 8.92 8.48
C ILE B 149 -5.54 10.06 7.73
N PRO B 150 -4.21 10.23 7.92
CA PRO B 150 -3.56 11.26 7.09
C PRO B 150 -3.66 11.00 5.58
N LEU B 151 -3.66 9.74 5.16
CA LEU B 151 -3.79 9.43 3.74
C LEU B 151 -5.13 9.93 3.22
N CYS B 152 -6.19 9.66 3.98
CA CYS B 152 -7.53 10.09 3.62
C CYS B 152 -7.69 11.60 3.62
N LEU B 153 -7.05 12.27 4.57
CA LEU B 153 -7.20 13.73 4.72
C LEU B 153 -6.54 14.46 3.55
N ARG B 154 -5.36 13.99 3.15
CA ARG B 154 -4.71 14.55 1.98
C ARG B 154 -5.60 14.41 0.73
N ILE B 155 -6.22 13.24 0.56
CA ILE B 155 -7.12 13.02 -0.58
C ILE B 155 -8.37 13.88 -0.49
N MET B 156 -8.95 14.00 0.71
CA MET B 156 -10.15 14.82 0.89
C MET B 156 -9.89 16.26 0.46
N GLU B 157 -8.64 16.68 0.59
CA GLU B 157 -8.24 18.04 0.26
C GLU B 157 -7.97 18.24 -1.24
N SER B 158 -7.37 17.23 -1.88
CA SER B 158 -6.78 17.41 -3.20
C SER B 158 -7.29 16.48 -4.29
N GLY B 159 -8.15 15.53 -3.97
CA GLY B 159 -8.54 14.53 -4.94
C GLY B 159 -9.67 14.94 -5.86
N SER B 160 -10.01 14.07 -6.82
CA SER B 160 -11.20 14.25 -7.63
C SER B 160 -12.44 14.18 -6.74
N GLU B 161 -13.59 14.61 -7.26
CA GLU B 161 -14.81 14.55 -6.46
C GLU B 161 -15.11 13.13 -5.98
N LEU B 162 -14.89 12.15 -6.86
CA LEU B 162 -15.17 10.77 -6.47
C LEU B 162 -14.27 10.31 -5.34
N SER B 163 -12.97 10.57 -5.47
CA SER B 163 -12.00 10.15 -4.45
C SER B 163 -12.24 10.87 -3.12
N LYS B 164 -12.54 12.17 -3.19
CA LYS B 164 -12.87 12.91 -1.98
C LYS B 164 -14.04 12.29 -1.26
N THR B 165 -15.03 11.82 -2.01
CA THR B 165 -16.23 11.26 -1.39
C THR B 165 -15.94 9.92 -0.70
N VAL B 166 -15.22 9.02 -1.37
CA VAL B 166 -14.87 7.75 -0.73
C VAL B 166 -13.99 8.02 0.49
N ALA B 167 -13.02 8.91 0.34
CA ALA B 167 -12.12 9.20 1.45
C ALA B 167 -12.86 9.79 2.65
N THR B 168 -13.84 10.67 2.40
CA THR B 168 -14.59 11.27 3.50
C THR B 168 -15.50 10.22 4.15
N PHE B 169 -16.01 9.30 3.33
CA PHE B 169 -16.81 8.19 3.84
C PHE B 169 -16.01 7.30 4.80
N ILE B 170 -14.76 7.03 4.47
CA ILE B 170 -13.90 6.24 5.35
C ILE B 170 -13.69 7.01 6.67
N LEU B 171 -13.39 8.29 6.57
CA LEU B 171 -13.21 9.12 7.77
C LEU B 171 -14.49 9.09 8.59
N GLN B 172 -15.62 9.15 7.90
CA GLN B 172 -16.92 9.15 8.58
C GLN B 172 -17.11 7.86 9.39
N LYS B 173 -16.77 6.72 8.79
CA LYS B 173 -16.91 5.44 9.46
C LYS B 173 -15.99 5.35 10.68
N ILE B 174 -14.77 5.85 10.54
CA ILE B 174 -13.85 5.88 11.65
C ILE B 174 -14.41 6.76 12.79
N LEU B 175 -14.88 7.94 12.44
CA LEU B 175 -15.46 8.84 13.45
C LEU B 175 -16.70 8.25 14.16
N LEU B 176 -17.53 7.52 13.42
CA LEU B 176 -18.74 6.94 14.00
C LEU B 176 -18.44 5.91 15.07
N ASP B 177 -17.25 5.34 15.01
CA ASP B 177 -16.82 4.40 16.04
C ASP B 177 -16.42 5.19 17.28
N ASP B 178 -16.86 4.75 18.45
CA ASP B 178 -16.47 5.39 19.71
C ASP B 178 -14.95 5.53 19.83
N THR B 179 -14.23 4.46 19.52
CA THR B 179 -12.78 4.49 19.56
C THR B 179 -12.21 5.49 18.55
N GLY B 180 -12.78 5.49 17.35
CA GLY B 180 -12.34 6.42 16.32
C GLY B 180 -12.52 7.88 16.70
N LEU B 181 -13.67 8.20 17.26
CA LEU B 181 -13.96 9.57 17.70
C LEU B 181 -12.98 10.03 18.78
N ALA B 182 -12.75 9.17 19.76
CA ALA B 182 -11.80 9.47 20.83
C ALA B 182 -10.38 9.64 20.29
N TYR B 183 -10.01 8.82 19.31
CA TYR B 183 -8.67 8.91 18.73
C TYR B 183 -8.46 10.28 18.07
N ILE B 184 -9.42 10.67 17.24
CA ILE B 184 -9.29 11.90 16.46
C ILE B 184 -9.36 13.14 17.37
N CYS B 185 -10.09 13.05 18.49
CA CYS B 185 -10.20 14.18 19.42
C CYS B 185 -9.28 14.05 20.63
N GLN B 186 -8.27 13.20 20.54
CA GLN B 186 -7.40 12.95 21.69
C GLN B 186 -6.49 14.15 21.98
N THR B 187 -6.07 14.84 20.93
CA THR B 187 -5.29 16.06 21.08
C THR B 187 -5.92 17.12 20.21
N TYR B 188 -5.65 18.38 20.54
CA TYR B 188 -6.15 19.49 19.76
C TYR B 188 -5.52 19.46 18.37
N GLU B 189 -4.26 19.05 18.30
CA GLU B 189 -3.55 18.98 17.02
C GLU B 189 -4.26 18.04 16.05
N ARG B 190 -4.67 16.87 16.53
CA ARG B 190 -5.38 15.93 15.66
C ARG B 190 -6.72 16.50 15.24
N PHE B 191 -7.49 16.95 16.22
CA PHE B 191 -8.81 17.49 15.94
C PHE B 191 -8.71 18.64 14.96
N SER B 192 -7.81 19.57 15.26
CA SER B 192 -7.66 20.79 14.47
C SER B 192 -7.35 20.49 13.00
N HIS B 193 -6.48 19.51 12.77
CA HIS B 193 -6.10 19.12 11.42
C HIS B 193 -7.29 18.58 10.63
N VAL B 194 -8.16 17.83 11.28
CA VAL B 194 -9.36 17.31 10.63
C VAL B 194 -10.37 18.44 10.39
N ALA B 195 -10.56 19.28 11.40
CA ALA B 195 -11.53 20.38 11.30
C ALA B 195 -11.15 21.34 10.18
N MET B 196 -9.84 21.58 10.07
CA MET B 196 -9.30 22.47 9.05
C MET B 196 -9.62 21.96 7.65
N ILE B 197 -9.43 20.67 7.43
CA ILE B 197 -9.67 20.06 6.13
C ILE B 197 -11.16 20.09 5.80
N LEU B 198 -12.00 19.73 6.76
CA LEU B 198 -13.45 19.79 6.59
C LEU B 198 -13.87 21.23 6.25
N GLY B 199 -13.22 22.20 6.88
CA GLY B 199 -13.52 23.61 6.63
C GLY B 199 -13.22 24.00 5.20
N LYS B 200 -12.05 23.58 4.72
CA LYS B 200 -11.65 23.84 3.33
C LYS B 200 -12.63 23.20 2.36
N MET B 201 -13.05 21.98 2.66
CA MET B 201 -14.01 21.29 1.80
C MET B 201 -15.37 22.01 1.70
N VAL B 202 -15.84 22.57 2.81
CA VAL B 202 -17.08 23.32 2.82
C VAL B 202 -16.99 24.54 1.91
N LEU B 203 -15.85 25.22 1.97
CA LEU B 203 -15.66 26.37 1.11
C LEU B 203 -15.74 25.93 -0.34
N GLN B 204 -15.06 24.83 -0.65
CA GLN B 204 -15.02 24.30 -2.01
C GLN B 204 -16.40 23.89 -2.50
N LEU B 205 -17.16 23.21 -1.62
CA LEU B 205 -18.53 22.80 -1.91
C LEU B 205 -19.46 23.97 -2.21
N SER B 206 -19.19 25.12 -1.59
CA SER B 206 -20.05 26.28 -1.80
C SER B 206 -19.85 26.82 -3.21
N LYS B 207 -18.66 26.60 -3.75
CA LYS B 207 -18.32 27.01 -5.10
C LYS B 207 -18.73 25.95 -6.12
N GLU B 208 -18.68 24.67 -5.75
CA GLU B 208 -18.94 23.56 -6.67
C GLU B 208 -19.72 22.44 -5.98
N PRO B 209 -21.06 22.48 -6.07
CA PRO B 209 -21.98 21.56 -5.40
C PRO B 209 -21.66 20.09 -5.65
N SER B 210 -21.68 19.32 -4.58
CA SER B 210 -21.67 17.87 -4.68
C SER B 210 -22.50 17.35 -3.51
N ALA B 211 -23.72 16.92 -3.82
CA ALA B 211 -24.66 16.50 -2.79
C ALA B 211 -24.07 15.38 -1.93
N ARG B 212 -23.54 14.34 -2.57
CA ARG B 212 -22.98 13.19 -1.84
C ARG B 212 -21.85 13.60 -0.91
N LEU B 213 -20.98 14.48 -1.39
CA LEU B 213 -19.82 14.88 -0.60
C LEU B 213 -20.28 15.72 0.58
N LEU B 214 -21.17 16.68 0.32
CA LEU B 214 -21.70 17.55 1.38
C LEU B 214 -22.34 16.72 2.49
N LYS B 215 -23.10 15.71 2.11
CA LYS B 215 -23.72 14.80 3.07
C LYS B 215 -22.70 14.20 4.04
N HIS B 216 -21.61 13.64 3.51
CA HIS B 216 -20.58 13.03 4.36
C HIS B 216 -19.83 14.06 5.22
N VAL B 217 -19.51 15.21 4.64
CA VAL B 217 -18.86 16.29 5.38
C VAL B 217 -19.74 16.69 6.58
N VAL B 218 -21.04 16.87 6.33
CA VAL B 218 -21.96 17.23 7.41
C VAL B 218 -22.02 16.13 8.48
N ARG B 219 -22.08 14.87 8.07
CA ARG B 219 -22.08 13.76 9.02
C ARG B 219 -20.86 13.80 9.93
N CYS B 220 -19.69 14.03 9.33
CA CYS B 220 -18.44 14.10 10.07
C CYS B 220 -18.51 15.18 11.15
N TYR B 221 -18.91 16.40 10.76
CA TYR B 221 -19.12 17.48 11.74
C TYR B 221 -20.10 17.07 12.85
N LEU B 222 -21.24 16.50 12.46
CA LEU B 222 -22.25 16.09 13.44
C LEU B 222 -21.65 15.11 14.45
N ARG B 223 -20.91 14.13 13.95
CA ARG B 223 -20.32 13.14 14.84
C ARG B 223 -19.26 13.80 15.73
N LEU B 224 -18.46 14.69 15.18
CA LEU B 224 -17.45 15.38 15.98
C LEU B 224 -18.08 16.15 17.14
N SER B 225 -19.29 16.68 16.94
CA SER B 225 -19.93 17.46 18.00
C SER B 225 -20.41 16.57 19.15
N ASP B 226 -20.29 15.25 19.01
CA ASP B 226 -20.58 14.34 20.12
C ASP B 226 -19.48 14.39 21.19
N ASN B 227 -18.30 14.83 20.79
CA ASN B 227 -17.18 14.98 21.74
C ASN B 227 -17.18 16.38 22.34
N PRO B 228 -17.14 16.47 23.68
CA PRO B 228 -17.28 17.78 24.35
C PRO B 228 -16.19 18.80 23.98
N ARG B 229 -14.94 18.37 23.92
CA ARG B 229 -13.86 19.29 23.55
C ARG B 229 -14.08 19.76 22.11
N ALA B 230 -14.42 18.82 21.24
CA ALA B 230 -14.66 19.14 19.83
C ALA B 230 -15.88 20.05 19.71
N ARG B 231 -16.89 19.80 20.53
CA ARG B 231 -18.09 20.62 20.51
C ARG B 231 -17.75 22.07 20.80
N GLU B 232 -16.92 22.31 21.81
CA GLU B 232 -16.56 23.67 22.16
C GLU B 232 -15.75 24.31 21.03
N ALA B 233 -14.81 23.57 20.46
CA ALA B 233 -13.98 24.12 19.40
C ALA B 233 -14.86 24.46 18.20
N LEU B 234 -15.81 23.60 17.90
CA LEU B 234 -16.70 23.80 16.75
C LEU B 234 -17.57 25.04 16.92
N ARG B 235 -17.87 25.41 18.16
CA ARG B 235 -18.64 26.63 18.40
C ARG B 235 -17.87 27.85 17.91
N GLN B 236 -16.57 27.69 17.70
CA GLN B 236 -15.76 28.80 17.25
C GLN B 236 -15.38 28.71 15.77
N CYS B 237 -15.09 27.50 15.30
CA CYS B 237 -14.50 27.34 13.97
C CYS B 237 -15.41 26.67 12.94
N LEU B 238 -16.69 26.51 13.27
CA LEU B 238 -17.62 25.93 12.31
C LEU B 238 -17.84 26.93 11.18
N PRO B 239 -17.64 26.50 9.91
CA PRO B 239 -17.77 27.41 8.77
C PRO B 239 -19.11 28.16 8.75
N ASP B 240 -19.06 29.47 8.48
CA ASP B 240 -20.30 30.24 8.38
C ASP B 240 -21.23 29.70 7.30
N GLN B 241 -20.68 28.98 6.30
CA GLN B 241 -21.49 28.45 5.21
C GLN B 241 -22.44 27.35 5.68
N LEU B 242 -22.11 26.74 6.81
CA LEU B 242 -23.02 25.77 7.40
C LEU B 242 -24.09 26.39 8.29
N LYS B 243 -23.95 27.68 8.61
CA LYS B 243 -24.93 28.36 9.45
C LYS B 243 -25.94 29.20 8.66
N ASP B 244 -25.55 29.72 7.50
CA ASP B 244 -26.43 30.56 6.72
C ASP B 244 -27.15 29.78 5.61
N THR B 245 -27.65 30.49 4.60
CA THR B 245 -28.45 29.85 3.55
C THR B 245 -27.65 29.27 2.38
N THR B 246 -26.32 29.33 2.47
CA THR B 246 -25.44 28.89 1.38
C THR B 246 -25.88 27.57 0.74
N PHE B 247 -26.16 26.57 1.57
CA PHE B 247 -26.52 25.27 1.04
C PHE B 247 -28.03 24.97 1.08
N ALA B 248 -28.84 26.00 1.35
CA ALA B 248 -30.29 25.80 1.49
C ALA B 248 -30.92 25.26 0.21
N GLN B 249 -30.44 25.76 -0.92
CA GLN B 249 -30.92 25.33 -2.24
C GLN B 249 -30.66 23.85 -2.52
N VAL B 250 -29.40 23.45 -2.44
CA VAL B 250 -29.02 22.08 -2.76
C VAL B 250 -29.50 21.08 -1.72
N LEU B 251 -30.03 21.56 -0.60
CA LEU B 251 -30.38 20.66 0.50
C LEU B 251 -31.89 20.42 0.64
N LYS B 252 -32.71 21.21 -0.05
CA LYS B 252 -34.15 21.07 0.12
C LYS B 252 -34.64 19.73 -0.42
N ASP B 253 -33.79 19.05 -1.20
CA ASP B 253 -34.09 17.72 -1.68
C ASP B 253 -33.60 16.65 -0.70
N ASP B 254 -32.51 16.96 0.00
CA ASP B 254 -31.87 16.02 0.91
C ASP B 254 -32.33 16.22 2.35
N THR B 255 -33.43 15.56 2.72
CA THR B 255 -34.02 15.67 4.05
C THR B 255 -33.09 15.15 5.14
N THR B 256 -32.39 14.05 4.86
CA THR B 256 -31.47 13.45 5.82
C THR B 256 -30.32 14.38 6.20
N THR B 257 -29.65 14.95 5.20
CA THR B 257 -28.55 15.87 5.45
C THR B 257 -29.02 17.15 6.18
N LYS B 258 -30.19 17.65 5.79
CA LYS B 258 -30.80 18.79 6.47
C LYS B 258 -31.02 18.51 7.96
N ARG B 259 -31.53 17.31 8.26
CA ARG B 259 -31.78 16.92 9.63
C ARG B 259 -30.47 16.82 10.41
N TRP B 260 -29.43 16.29 9.77
CA TRP B 260 -28.12 16.19 10.38
C TRP B 260 -27.54 17.57 10.66
N LEU B 261 -27.63 18.45 9.67
CA LEU B 261 -27.18 19.83 9.81
C LEU B 261 -27.89 20.54 10.97
N ALA B 262 -29.21 20.39 11.05
CA ALA B 262 -29.96 21.06 12.11
C ALA B 262 -29.63 20.46 13.47
N GLN B 263 -29.33 19.16 13.49
CA GLN B 263 -28.91 18.51 14.72
C GLN B 263 -27.56 19.08 15.14
N LEU B 264 -26.69 19.30 14.17
CA LEU B 264 -25.37 19.84 14.42
C LEU B 264 -25.44 21.24 15.05
N VAL B 265 -26.14 22.14 14.38
CA VAL B 265 -26.30 23.50 14.91
C VAL B 265 -26.89 23.46 16.31
N LYS B 266 -27.84 22.55 16.52
CA LYS B 266 -28.49 22.40 17.81
C LYS B 266 -27.47 22.01 18.88
N ASN B 267 -26.64 21.02 18.57
CA ASN B 267 -25.61 20.52 19.49
C ASN B 267 -24.66 21.60 20.00
N LEU B 268 -24.29 22.52 19.12
CA LEU B 268 -23.31 23.55 19.48
C LEU B 268 -23.89 24.64 20.38
N GLN B 269 -24.71 24.23 21.36
CA GLN B 269 -25.30 25.15 22.32
C GLN B 269 -25.23 24.57 23.73
#